data_4UHT
#
_entry.id   4UHT
#
_cell.length_a   39.119
_cell.length_b   39.880
_cell.length_c   40.940
_cell.angle_alpha   89.80
_cell.angle_beta   75.13
_cell.angle_gamma   61.04
#
_symmetry.space_group_name_H-M   'P 1'
#
loop_
_entity.id
_entity.type
_entity.pdbx_description
1 polymer 'TRANSCRIPTIONAL REGULATORY PROTEIN CPXR'
2 non-polymer 'CHLORIDE ION'
3 water water
#
_entity_poly.entity_id   1
_entity_poly.type   'polypeptide(L)'
_entity_poly.pdbx_seq_one_letter_code
;SPTLEVDALVLNPGRQEASFDGQTLELTGTEFTLLYLLAQHLGQVVSREHLSQEVLGKRLTPFDHAIDMHISNLRRKLPD
RKDGHPWFKTLRGRGYLMVSAA
;
_entity_poly.pdbx_strand_id   A,B
#
# COMPACT_ATOMS: atom_id res chain seq x y z
N SER A 1 -4.36 -2.44 16.68
CA SER A 1 -2.89 -2.23 17.04
C SER A 1 -2.48 -0.78 17.25
N PRO A 2 -1.50 -0.52 18.13
CA PRO A 2 -1.14 0.83 18.46
C PRO A 2 -0.23 1.51 17.46
N THR A 3 -0.34 2.81 17.45
CA THR A 3 0.50 3.64 16.60
C THR A 3 1.89 3.61 17.17
N LEU A 4 2.92 3.45 16.32
CA LEU A 4 4.32 3.39 16.68
C LEU A 4 5.06 4.59 16.08
N GLU A 5 6.04 5.12 16.85
CA GLU A 5 6.88 6.21 16.45
C GLU A 5 8.29 5.78 16.47
N VAL A 6 9.10 6.07 15.43
CA VAL A 6 10.53 5.90 15.42
C VAL A 6 11.09 7.10 14.69
N ASP A 7 11.97 7.87 15.38
CA ASP A 7 12.43 9.08 14.77
C ASP A 7 11.21 9.94 14.44
N ALA A 8 11.15 10.52 13.23
CA ALA A 8 10.00 11.26 12.79
C ALA A 8 8.97 10.42 12.01
N LEU A 9 9.15 9.11 11.98
CA LEU A 9 8.22 8.23 11.33
C LEU A 9 7.09 7.85 12.32
N VAL A 10 5.88 7.90 11.83
CA VAL A 10 4.68 7.48 12.55
C VAL A 10 3.97 6.43 11.78
N LEU A 11 3.73 5.29 12.40
CA LEU A 11 3.11 4.13 11.75
C LEU A 11 1.76 3.88 12.42
N ASN A 12 0.69 4.14 11.68
CA ASN A 12 -0.66 4.04 12.18
C ASN A 12 -1.34 2.82 11.54
N PRO A 13 -1.46 1.71 12.26
CA PRO A 13 -1.95 0.47 11.67
C PRO A 13 -3.44 0.51 11.43
N GLY A 14 -4.16 1.39 12.13
CA GLY A 14 -5.58 1.54 11.91
C GLY A 14 -5.90 2.02 10.52
N ARG A 15 -4.99 2.74 9.88
CA ARG A 15 -5.10 3.19 8.51
C ARG A 15 -4.08 2.52 7.58
N GLN A 16 -3.23 1.66 8.12
CA GLN A 16 -2.11 1.04 7.40
C GLN A 16 -1.34 2.19 6.67
N GLU A 17 -1.03 3.21 7.41
CA GLU A 17 -0.32 4.44 6.88
C GLU A 17 0.83 4.88 7.70
N ALA A 18 1.94 5.10 6.99
CA ALA A 18 3.15 5.69 7.42
C ALA A 18 3.30 7.17 7.06
N SER A 19 3.71 8.01 8.01
CA SER A 19 4.00 9.40 7.75
CA SER A 19 3.98 9.40 7.76
C SER A 19 5.37 9.73 8.30
N PHE A 20 6.08 10.68 7.68
CA PHE A 20 7.40 11.16 8.15
C PHE A 20 7.33 12.63 8.32
N ASP A 21 7.56 13.13 9.53
CA ASP A 21 7.56 14.52 9.83
C ASP A 21 6.29 15.15 9.35
N GLY A 22 5.17 14.43 9.56
CA GLY A 22 3.85 14.90 9.25
C GLY A 22 3.32 14.67 7.88
N GLN A 23 4.15 14.14 6.96
CA GLN A 23 3.76 13.88 5.56
C GLN A 23 3.56 12.40 5.29
N THR A 24 2.39 12.05 4.75
CA THR A 24 2.09 10.64 4.43
C THR A 24 3.03 10.14 3.37
N LEU A 25 3.47 8.91 3.53
CA LEU A 25 4.37 8.28 2.63
C LEU A 25 3.63 7.35 1.63
N GLU A 26 4.10 7.27 0.43
CA GLU A 26 3.55 6.42 -0.60
C GLU A 26 4.04 4.98 -0.57
N LEU A 27 3.58 4.22 0.40
CA LEU A 27 4.00 2.88 0.67
C LEU A 27 2.93 1.90 0.20
N THR A 28 3.35 0.72 -0.27
CA THR A 28 2.44 -0.36 -0.53
C THR A 28 1.98 -0.95 0.80
N GLY A 29 0.91 -1.71 0.80
CA GLY A 29 0.51 -2.42 1.99
C GLY A 29 1.59 -3.37 2.51
N THR A 30 2.25 -4.07 1.61
CA THR A 30 3.30 -4.97 1.93
C THR A 30 4.44 -4.23 2.66
N GLU A 31 4.86 -3.09 2.10
CA GLU A 31 5.86 -2.22 2.74
C GLU A 31 5.47 -1.82 4.15
N PHE A 32 4.23 -1.36 4.30
CA PHE A 32 3.75 -0.98 5.63
C PHE A 32 3.82 -2.14 6.58
N THR A 33 3.40 -3.32 6.18
CA THR A 33 3.41 -4.49 7.00
C THR A 33 4.83 -4.77 7.53
N LEU A 34 5.80 -4.75 6.58
CA LEU A 34 7.17 -4.96 6.94
C LEU A 34 7.69 -3.94 7.92
N LEU A 35 7.42 -2.68 7.65
CA LEU A 35 7.88 -1.60 8.55
C LEU A 35 7.32 -1.75 9.93
N TYR A 36 6.00 -2.01 10.02
CA TYR A 36 5.35 -2.10 11.33
C TYR A 36 5.89 -3.28 12.14
N LEU A 37 6.09 -4.42 11.49
CA LEU A 37 6.61 -5.59 12.17
C LEU A 37 8.03 -5.37 12.71
N LEU A 38 8.89 -4.76 11.88
CA LEU A 38 10.22 -4.43 12.39
C LEU A 38 10.16 -3.43 13.53
N ALA A 39 9.30 -2.43 13.40
CA ALA A 39 9.17 -1.43 14.48
C ALA A 39 8.65 -2.02 15.74
N GLN A 40 7.75 -3.02 15.71
CA GLN A 40 7.31 -3.67 16.94
C GLN A 40 8.48 -4.30 17.66
N HIS A 41 9.48 -4.77 16.95
CA HIS A 41 10.65 -5.40 17.48
C HIS A 41 11.84 -4.48 17.46
N LEU A 42 11.62 -3.18 17.61
CA LEU A 42 12.67 -2.17 17.39
C LEU A 42 13.97 -2.55 18.10
N GLY A 43 15.07 -2.53 17.33
CA GLY A 43 16.38 -2.84 17.82
C GLY A 43 16.72 -4.32 17.93
N GLN A 44 15.80 -5.19 17.57
CA GLN A 44 16.02 -6.66 17.68
C GLN A 44 15.79 -7.29 16.31
N VAL A 45 16.61 -8.28 16.01
CA VAL A 45 16.54 -8.97 14.74
C VAL A 45 15.30 -9.85 14.59
N VAL A 46 14.62 -9.72 13.45
CA VAL A 46 13.47 -10.49 13.09
C VAL A 46 13.89 -11.44 11.97
N SER A 47 13.52 -12.72 12.07
CA SER A 47 14.05 -13.70 11.15
C SER A 47 13.50 -13.52 9.73
N ARG A 48 14.30 -13.95 8.76
CA ARG A 48 13.86 -13.98 7.39
C ARG A 48 12.63 -14.82 7.18
N GLU A 49 12.54 -15.93 7.93
CA GLU A 49 11.40 -16.83 7.84
C GLU A 49 10.12 -16.17 8.35
N HIS A 50 10.20 -15.46 9.50
CA HIS A 50 9.07 -14.74 10.03
C HIS A 50 8.62 -13.65 9.14
N LEU A 51 9.59 -12.88 8.57
CA LEU A 51 9.25 -11.78 7.66
C LEU A 51 8.61 -12.33 6.39
N SER A 52 9.13 -13.43 5.83
CA SER A 52 8.55 -14.03 4.65
C SER A 52 7.11 -14.41 4.88
N GLN A 53 6.79 -15.13 5.98
CA GLN A 53 5.45 -15.54 6.25
C GLN A 53 4.55 -14.37 6.50
N GLU A 54 4.96 -13.47 7.40
CA GLU A 54 4.05 -12.39 7.84
C GLU A 54 3.83 -11.32 6.76
N VAL A 55 4.89 -11.01 6.01
CA VAL A 55 4.84 -9.93 5.06
C VAL A 55 4.33 -10.46 3.70
N LEU A 56 4.77 -11.62 3.29
CA LEU A 56 4.50 -12.15 1.97
C LEU A 56 3.60 -13.36 1.91
N GLY A 57 3.30 -13.97 3.04
CA GLY A 57 2.43 -15.12 3.08
C GLY A 57 3.05 -16.31 2.38
N LYS A 58 4.35 -16.41 2.43
CA LYS A 58 4.99 -17.56 1.83
C LYS A 58 6.17 -18.05 2.64
N ARG A 59 6.46 -19.32 2.47
CA ARG A 59 7.59 -19.92 3.06
C ARG A 59 8.88 -19.46 2.38
N LEU A 60 9.89 -19.17 3.18
CA LEU A 60 11.20 -18.74 2.66
C LEU A 60 11.87 -19.90 1.96
N THR A 61 12.53 -19.61 0.86
CA THR A 61 13.49 -20.51 0.19
C THR A 61 14.85 -19.79 0.13
N PRO A 62 15.92 -20.55 -0.15
CA PRO A 62 17.25 -19.88 -0.17
C PRO A 62 17.50 -19.01 -1.38
N PHE A 63 16.60 -19.13 -2.37
CA PHE A 63 16.72 -18.33 -3.55
C PHE A 63 15.73 -17.14 -3.65
N ASP A 64 14.92 -16.96 -2.61
CA ASP A 64 13.98 -15.86 -2.63
C ASP A 64 14.42 -14.68 -1.87
N HIS A 65 14.70 -13.61 -2.55
CA HIS A 65 15.26 -12.38 -1.98
C HIS A 65 14.25 -11.25 -1.97
N ALA A 66 12.95 -11.60 -1.90
CA ALA A 66 11.92 -10.60 -1.92
C ALA A 66 11.90 -9.68 -0.71
N ILE A 67 12.16 -10.20 0.47
CA ILE A 67 12.21 -9.32 1.65
C ILE A 67 13.36 -8.27 1.47
N ASP A 68 14.52 -8.73 1.06
CA ASP A 68 15.61 -7.78 0.84
C ASP A 68 15.23 -6.75 -0.21
N MET A 69 14.51 -7.12 -1.25
CA MET A 69 14.06 -6.16 -2.24
C MET A 69 13.11 -5.13 -1.62
N HIS A 70 12.21 -5.59 -0.73
CA HIS A 70 11.40 -4.64 0.01
C HIS A 70 12.19 -3.68 0.85
N ILE A 71 13.25 -4.16 1.49
CA ILE A 71 14.13 -3.27 2.23
C ILE A 71 14.81 -2.28 1.29
N SER A 72 15.24 -2.74 0.12
CA SER A 72 15.85 -1.86 -0.88
C SER A 72 14.90 -0.75 -1.26
N ASN A 73 13.63 -1.11 -1.54
CA ASN A 73 12.68 -0.10 -1.95
C ASN A 73 12.33 0.86 -0.81
N LEU A 74 12.19 0.32 0.40
CA LEU A 74 11.95 1.15 1.56
C LEU A 74 13.06 2.18 1.81
N ARG A 75 14.32 1.73 1.65
CA ARG A 75 15.43 2.62 1.83
C ARG A 75 15.42 3.74 0.81
N ARG A 76 14.88 3.53 -0.40
CA ARG A 76 14.71 4.59 -1.34
C ARG A 76 13.59 5.53 -0.97
N LYS A 77 12.49 5.00 -0.49
CA LYS A 77 11.27 5.78 -0.21
C LYS A 77 11.29 6.56 1.11
N LEU A 78 11.96 6.05 2.12
CA LEU A 78 11.92 6.67 3.40
C LEU A 78 12.88 7.84 3.48
N PRO A 79 12.42 9.02 3.93
CA PRO A 79 13.36 10.10 4.18
C PRO A 79 14.45 9.75 5.20
N ASP A 80 15.56 10.47 5.16
CA ASP A 80 16.58 10.27 6.13
C ASP A 80 16.10 10.59 7.54
N ARG A 81 16.48 9.73 8.50
CA ARG A 81 16.17 9.98 9.89
C ARG A 81 16.75 11.29 10.34
N LYS A 82 15.98 12.01 11.14
CA LYS A 82 16.46 13.21 11.85
C LYS A 82 17.63 12.89 12.76
N ASP A 83 17.63 11.73 13.43
CA ASP A 83 18.61 11.36 14.40
C ASP A 83 19.91 10.83 13.79
N GLY A 84 19.98 10.74 12.45
CA GLY A 84 21.17 10.33 11.79
C GLY A 84 21.39 8.83 11.61
N HIS A 85 20.59 7.99 12.26
CA HIS A 85 20.80 6.57 12.19
C HIS A 85 20.27 6.00 10.86
N PRO A 86 20.74 4.81 10.48
CA PRO A 86 20.05 4.09 9.47
C PRO A 86 18.65 3.72 9.91
N TRP A 87 17.74 3.46 8.97
CA TRP A 87 16.50 2.77 9.32
C TRP A 87 16.68 1.32 9.69
N PHE A 88 17.47 0.56 8.93
CA PHE A 88 17.56 -0.87 9.05
C PHE A 88 19.01 -1.30 9.20
N LYS A 89 19.19 -2.51 9.73
CA LYS A 89 20.45 -3.22 9.67
C LYS A 89 20.16 -4.67 9.25
N THR A 90 20.94 -5.18 8.32
CA THR A 90 20.94 -6.52 7.88
C THR A 90 21.89 -7.32 8.71
N LEU A 91 21.43 -8.44 9.25
CA LEU A 91 22.30 -9.36 10.03
C LEU A 91 22.34 -10.72 9.23
N ARG A 92 23.23 -10.85 8.27
CA ARG A 92 23.41 -12.02 7.41
C ARG A 92 22.99 -13.35 8.08
N GLY A 93 22.12 -14.01 7.41
CA GLY A 93 21.38 -15.15 7.86
C GLY A 93 20.24 -14.90 8.79
N ARG A 94 20.50 -14.07 9.82
CA ARG A 94 19.60 -13.94 10.95
C ARG A 94 18.39 -13.04 10.62
N GLY A 95 18.46 -12.14 9.64
CA GLY A 95 17.34 -11.31 9.29
C GLY A 95 17.67 -9.84 9.35
N TYR A 96 16.70 -9.03 9.78
CA TYR A 96 16.80 -7.58 9.76
C TYR A 96 16.33 -7.00 11.08
N LEU A 97 16.78 -5.83 11.42
CA LEU A 97 16.20 -5.04 12.49
C LEU A 97 15.99 -3.61 12.01
N MET A 98 15.04 -2.95 12.67
CA MET A 98 14.94 -1.51 12.62
C MET A 98 15.79 -0.92 13.75
N VAL A 99 16.61 0.06 13.43
CA VAL A 99 17.60 0.57 14.31
C VAL A 99 16.99 1.45 15.41
N SER A 100 17.39 1.15 16.64
CA SER A 100 16.95 1.91 17.80
C SER A 100 17.61 3.30 17.80
N ALA A 101 16.93 4.28 18.34
CA ALA A 101 17.56 5.53 18.67
C ALA A 101 18.58 5.31 19.77
N ALA A 102 19.62 6.13 19.84
CA ALA A 102 20.73 5.92 20.79
C ALA A 102 20.81 7.07 21.80
N SER B 1 -12.05 -9.88 3.65
CA SER B 1 -12.81 -9.51 2.43
C SER B 1 -12.41 -10.34 1.19
N PRO B 2 -13.35 -10.57 0.27
CA PRO B 2 -13.05 -11.47 -0.84
C PRO B 2 -12.19 -10.87 -1.91
N THR B 3 -11.49 -11.73 -2.62
CA THR B 3 -10.72 -11.35 -3.79
C THR B 3 -11.73 -11.02 -4.90
N LEU B 4 -11.47 -9.94 -5.62
CA LEU B 4 -12.32 -9.51 -6.73
C LEU B 4 -11.53 -9.51 -8.03
N GLU B 5 -12.20 -9.87 -9.11
CA GLU B 5 -11.63 -9.86 -10.44
C GLU B 5 -12.39 -8.94 -11.36
N VAL B 6 -11.67 -8.10 -12.12
CA VAL B 6 -12.27 -7.30 -13.20
C VAL B 6 -11.33 -7.36 -14.37
N ASP B 7 -11.76 -7.80 -15.53
CA ASP B 7 -10.83 -7.95 -16.62
C ASP B 7 -9.69 -8.83 -16.18
N ALA B 8 -8.43 -8.47 -16.45
CA ALA B 8 -7.31 -9.26 -16.01
C ALA B 8 -6.75 -8.81 -14.65
N LEU B 9 -7.46 -7.93 -13.96
CA LEU B 9 -7.10 -7.41 -12.64
C LEU B 9 -7.62 -8.35 -11.57
N VAL B 10 -6.79 -8.66 -10.61
CA VAL B 10 -7.15 -9.43 -9.43
C VAL B 10 -6.76 -8.61 -8.19
N LEU B 11 -7.75 -8.39 -7.31
CA LEU B 11 -7.57 -7.56 -6.11
C LEU B 11 -7.69 -8.43 -4.88
N ASN B 12 -6.59 -8.55 -4.14
CA ASN B 12 -6.56 -9.34 -2.94
C ASN B 12 -6.44 -8.40 -1.73
N PRO B 13 -7.57 -8.20 -1.02
CA PRO B 13 -7.52 -7.13 0.01
C PRO B 13 -6.75 -7.54 1.20
N GLY B 14 -6.54 -8.84 1.46
CA GLY B 14 -5.78 -9.20 2.68
C GLY B 14 -4.39 -8.69 2.66
N ARG B 15 -3.80 -8.50 1.47
CA ARG B 15 -2.47 -8.02 1.36
C ARG B 15 -2.41 -6.66 0.66
N GLN B 16 -3.60 -6.10 0.35
CA GLN B 16 -3.72 -4.89 -0.41
C GLN B 16 -2.89 -5.05 -1.69
N GLU B 17 -3.09 -6.15 -2.39
CA GLU B 17 -2.33 -6.45 -3.57
C GLU B 17 -3.18 -6.61 -4.78
N ALA B 18 -2.88 -5.77 -5.78
CA ALA B 18 -3.44 -5.84 -7.12
C ALA B 18 -2.45 -6.48 -8.03
N SER B 19 -2.92 -7.41 -8.87
CA SER B 19 -2.14 -7.98 -9.95
CA SER B 19 -2.18 -8.02 -9.93
C SER B 19 -2.92 -7.88 -11.24
N PHE B 20 -2.21 -7.65 -12.33
CA PHE B 20 -2.79 -7.57 -13.64
C PHE B 20 -2.16 -8.62 -14.51
N ASP B 21 -2.92 -9.54 -15.05
CA ASP B 21 -2.42 -10.60 -15.88
C ASP B 21 -1.27 -11.34 -15.21
N GLY B 22 -1.39 -11.57 -13.93
CA GLY B 22 -0.41 -12.34 -13.17
C GLY B 22 0.78 -11.58 -12.62
N GLN B 23 0.88 -10.27 -12.89
CA GLN B 23 1.96 -9.44 -12.43
C GLN B 23 1.49 -8.49 -11.32
N THR B 24 2.14 -8.48 -10.18
CA THR B 24 1.82 -7.56 -9.08
CA THR B 24 1.84 -7.55 -9.08
C THR B 24 2.11 -6.13 -9.51
N LEU B 25 1.22 -5.26 -9.17
CA LEU B 25 1.37 -3.83 -9.43
C LEU B 25 1.80 -3.17 -8.10
N GLU B 26 2.54 -2.10 -8.18
CA GLU B 26 3.03 -1.36 -7.02
C GLU B 26 2.01 -0.30 -6.60
N LEU B 27 0.83 -0.72 -6.18
CA LEU B 27 -0.13 0.23 -5.72
C LEU B 27 0.13 0.59 -4.26
N THR B 28 0.02 1.87 -3.92
CA THR B 28 0.05 2.24 -2.53
C THR B 28 -1.18 1.66 -1.84
N GLY B 29 -1.14 1.61 -0.52
CA GLY B 29 -2.30 1.16 0.21
C GLY B 29 -3.53 2.00 -0.06
N THR B 30 -3.34 3.31 -0.17
CA THR B 30 -4.40 4.24 -0.47
C THR B 30 -5.04 3.96 -1.83
N GLU B 31 -4.17 3.80 -2.85
CA GLU B 31 -4.59 3.47 -4.18
C GLU B 31 -5.41 2.15 -4.21
N PHE B 32 -4.89 1.16 -3.49
CA PHE B 32 -5.59 -0.13 -3.42
C PHE B 32 -6.99 0.02 -2.81
N THR B 33 -7.06 0.78 -1.72
CA THR B 33 -8.32 0.97 -1.02
C THR B 33 -9.39 1.55 -1.98
N LEU B 34 -8.96 2.61 -2.71
CA LEU B 34 -9.86 3.24 -3.63
C LEU B 34 -10.30 2.26 -4.72
N LEU B 35 -9.34 1.54 -5.32
CA LEU B 35 -9.61 0.61 -6.41
C LEU B 35 -10.57 -0.49 -5.95
N TYR B 36 -10.34 -1.05 -4.78
CA TYR B 36 -11.15 -2.15 -4.28
C TYR B 36 -12.57 -1.67 -3.99
N LEU B 37 -12.70 -0.47 -3.40
CA LEU B 37 -14.04 0.06 -3.14
C LEU B 37 -14.85 0.29 -4.41
N LEU B 38 -14.22 0.84 -5.43
CA LEU B 38 -14.90 0.98 -6.73
C LEU B 38 -15.27 -0.36 -7.33
N ALA B 39 -14.37 -1.34 -7.18
CA ALA B 39 -14.66 -2.66 -7.74
C ALA B 39 -15.82 -3.31 -6.99
N GLN B 40 -15.94 -3.09 -5.68
CA GLN B 40 -17.08 -3.67 -4.96
C GLN B 40 -18.39 -3.18 -5.55
N HIS B 41 -18.43 -1.93 -6.03
CA HIS B 41 -19.58 -1.29 -6.62
C HIS B 41 -19.52 -1.26 -8.13
N LEU B 42 -18.89 -2.28 -8.73
CA LEU B 42 -18.63 -2.33 -10.18
C LEU B 42 -19.81 -1.86 -10.98
N GLY B 43 -19.60 -0.86 -11.82
CA GLY B 43 -20.61 -0.33 -12.72
C GLY B 43 -21.51 0.69 -12.14
N GLN B 44 -21.37 1.01 -10.85
CA GLN B 44 -22.26 1.96 -10.16
C GLN B 44 -21.40 3.07 -9.52
N VAL B 45 -21.92 4.28 -9.58
CA VAL B 45 -21.24 5.46 -9.08
C VAL B 45 -21.14 5.50 -7.54
N VAL B 46 -19.93 5.74 -7.03
CA VAL B 46 -19.59 5.88 -5.62
C VAL B 46 -19.32 7.35 -5.38
N SER B 47 -19.92 7.93 -4.33
CA SER B 47 -19.86 9.36 -4.13
C SER B 47 -18.46 9.82 -3.75
N ARG B 48 -18.17 11.08 -4.10
CA ARG B 48 -16.90 11.71 -3.66
C ARG B 48 -16.75 11.74 -2.17
N GLU B 49 -17.87 11.94 -1.46
CA GLU B 49 -17.87 11.99 0.00
C GLU B 49 -17.52 10.64 0.59
N HIS B 50 -18.13 9.56 0.04
CA HIS B 50 -17.84 8.20 0.49
C HIS B 50 -16.40 7.88 0.25
N LEU B 51 -15.91 8.20 -0.95
CA LEU B 51 -14.46 7.91 -1.28
C LEU B 51 -13.58 8.67 -0.36
N SER B 52 -13.83 9.98 -0.12
CA SER B 52 -13.01 10.75 0.77
C SER B 52 -12.94 10.14 2.16
N GLN B 53 -14.07 9.74 2.73
CA GLN B 53 -14.04 9.16 4.06
C GLN B 53 -13.36 7.78 4.08
N GLU B 54 -13.72 6.92 3.15
CA GLU B 54 -13.22 5.54 3.19
C GLU B 54 -11.76 5.46 2.78
N VAL B 55 -11.35 6.26 1.84
CA VAL B 55 -9.97 6.15 1.36
C VAL B 55 -9.04 7.04 2.20
N LEU B 56 -9.48 8.27 2.52
CA LEU B 56 -8.61 9.25 3.14
C LEU B 56 -8.92 9.52 4.58
N GLY B 57 -10.06 9.06 5.10
CA GLY B 57 -10.43 9.33 6.45
C GLY B 57 -10.72 10.77 6.72
N LYS B 58 -11.22 11.49 5.76
CA LYS B 58 -11.52 12.90 5.93
C LYS B 58 -12.75 13.32 5.19
N ARG B 59 -13.37 14.39 5.73
CA ARG B 59 -14.58 14.93 5.11
C ARG B 59 -14.17 15.65 3.87
N LEU B 60 -14.95 15.51 2.79
CA LEU B 60 -14.73 16.21 1.55
C LEU B 60 -15.00 17.69 1.70
N THR B 61 -14.17 18.51 1.07
CA THR B 61 -14.42 19.93 0.80
C THR B 61 -14.40 20.16 -0.72
N PRO B 62 -14.90 21.34 -1.20
CA PRO B 62 -14.94 21.59 -2.65
C PRO B 62 -13.61 21.92 -3.26
N PHE B 63 -12.59 22.12 -2.37
CA PHE B 63 -11.30 22.43 -2.89
C PHE B 63 -10.34 21.24 -2.78
N ASP B 64 -10.76 20.10 -2.25
CA ASP B 64 -9.89 18.95 -2.12
C ASP B 64 -10.07 17.97 -3.25
N HIS B 65 -9.08 17.86 -4.11
CA HIS B 65 -9.11 16.99 -5.30
C HIS B 65 -8.24 15.78 -5.15
N ALA B 66 -7.95 15.36 -3.90
CA ALA B 66 -7.12 14.24 -3.70
C ALA B 66 -7.62 12.92 -4.30
N ILE B 67 -8.90 12.68 -4.26
CA ILE B 67 -9.43 11.46 -4.86
C ILE B 67 -9.17 11.45 -6.35
N ASP B 68 -9.46 12.58 -7.03
CA ASP B 68 -9.21 12.61 -8.47
C ASP B 68 -7.74 12.41 -8.78
N MET B 69 -6.84 12.91 -7.91
CA MET B 69 -5.42 12.68 -8.12
C MET B 69 -5.09 11.21 -7.96
N HIS B 70 -5.70 10.50 -6.99
CA HIS B 70 -5.51 9.07 -6.90
C HIS B 70 -5.98 8.33 -8.13
N ILE B 71 -7.10 8.79 -8.72
CA ILE B 71 -7.59 8.24 -10.00
C ILE B 71 -6.55 8.49 -11.10
N SER B 72 -6.00 9.70 -11.15
CA SER B 72 -4.97 10.02 -12.10
C SER B 72 -3.78 9.10 -11.99
N ASN B 73 -3.31 8.86 -10.79
CA ASN B 73 -2.18 7.98 -10.62
C ASN B 73 -2.47 6.53 -10.87
N LEU B 74 -3.66 6.10 -10.49
CA LEU B 74 -4.12 4.76 -10.84
C LEU B 74 -4.16 4.53 -12.36
N ARG B 75 -4.64 5.53 -13.08
CA ARG B 75 -4.70 5.41 -14.53
C ARG B 75 -3.32 5.31 -15.16
N ARG B 76 -2.32 5.90 -14.56
CA ARG B 76 -0.97 5.75 -15.07
C ARG B 76 -0.43 4.33 -14.74
N LYS B 77 -0.76 3.78 -13.61
CA LYS B 77 -0.23 2.49 -13.18
C LYS B 77 -0.91 1.26 -13.74
N LEU B 78 -2.21 1.36 -13.99
CA LEU B 78 -3.00 0.21 -14.42
C LEU B 78 -2.75 -0.06 -15.88
N PRO B 79 -2.34 -1.28 -16.25
CA PRO B 79 -2.33 -1.63 -17.67
C PRO B 79 -3.65 -1.47 -18.34
N ASP B 80 -3.64 -1.33 -19.65
CA ASP B 80 -4.86 -1.33 -20.42
C ASP B 80 -5.66 -2.60 -20.25
N ARG B 81 -6.97 -2.44 -20.07
CA ARG B 81 -7.87 -3.58 -19.99
C ARG B 81 -7.85 -4.37 -21.26
N LYS B 82 -7.82 -5.71 -21.11
CA LYS B 82 -7.91 -6.62 -22.27
C LYS B 82 -9.19 -6.39 -23.00
N ASP B 83 -10.29 -6.12 -22.29
CA ASP B 83 -11.64 -5.97 -22.83
C ASP B 83 -11.88 -4.64 -23.57
N GLY B 84 -10.89 -3.72 -23.51
CA GLY B 84 -10.97 -2.46 -24.21
C GLY B 84 -11.68 -1.34 -23.50
N HIS B 85 -12.37 -1.61 -22.42
CA HIS B 85 -13.06 -0.56 -21.69
C HIS B 85 -12.06 0.32 -20.92
N PRO B 86 -12.47 1.54 -20.57
CA PRO B 86 -11.77 2.27 -19.52
C PRO B 86 -11.85 1.54 -18.20
N TRP B 87 -10.91 1.83 -17.30
CA TRP B 87 -11.05 1.44 -15.93
C TRP B 87 -12.19 2.17 -15.22
N PHE B 88 -12.23 3.48 -15.39
CA PHE B 88 -13.09 4.36 -14.61
C PHE B 88 -13.87 5.30 -15.47
N LYS B 89 -14.98 5.78 -14.92
CA LYS B 89 -15.73 6.89 -15.49
C LYS B 89 -15.98 7.90 -14.36
N THR B 90 -15.77 9.16 -14.66
CA THR B 90 -16.09 10.28 -13.77
C THR B 90 -17.46 10.77 -14.10
N LEU B 91 -18.34 10.90 -13.10
CA LEU B 91 -19.73 11.40 -13.31
C LEU B 91 -19.90 12.73 -12.58
N ARG B 92 -19.24 13.78 -13.01
CA ARG B 92 -19.27 15.06 -12.46
C ARG B 92 -19.32 15.04 -10.98
N GLY B 93 -20.26 15.72 -10.36
CA GLY B 93 -20.29 15.83 -8.91
C GLY B 93 -20.75 14.58 -8.18
N ARG B 94 -21.21 13.54 -8.89
CA ARG B 94 -21.73 12.33 -8.33
C ARG B 94 -20.60 11.35 -7.93
N GLY B 95 -19.42 11.44 -8.49
CA GLY B 95 -18.33 10.58 -8.12
C GLY B 95 -17.78 9.79 -9.28
N TYR B 96 -17.39 8.56 -9.01
CA TYR B 96 -16.67 7.72 -9.95
C TYR B 96 -17.30 6.34 -9.96
N LEU B 97 -17.18 5.65 -11.09
CA LEU B 97 -17.46 4.22 -11.13
C LEU B 97 -16.28 3.52 -11.81
N MET B 98 -16.14 2.25 -11.47
CA MET B 98 -15.32 1.34 -12.26
C MET B 98 -16.23 0.70 -13.30
N VAL B 99 -15.77 0.70 -14.53
CA VAL B 99 -16.53 0.28 -15.64
C VAL B 99 -16.79 -1.24 -15.70
N SER B 100 -18.08 -1.62 -15.88
CA SER B 100 -18.42 -2.99 -15.99
C SER B 100 -17.99 -3.55 -17.36
N ALA B 101 -17.67 -4.84 -17.42
CA ALA B 101 -17.58 -5.59 -18.66
C ALA B 101 -18.92 -5.59 -19.40
N ALA B 102 -18.87 -5.59 -20.73
CA ALA B 102 -20.04 -5.52 -21.62
C ALA B 102 -20.12 -6.79 -22.43
#